data_8XEH
#
_entry.id   8XEH
#
_cell.length_a   113.563
_cell.length_b   93.747
_cell.length_c   84.958
_cell.angle_alpha   90.000
_cell.angle_beta   123.860
_cell.angle_gamma   90.000
#
_symmetry.space_group_name_H-M   'C 1 2 1'
#
loop_
_entity.id
_entity.type
_entity.pdbx_description
1 polymer MNT
2 polymer HEPN
3 water water
#
loop_
_entity_poly.entity_id
_entity_poly.type
_entity_poly.pdbx_seq_one_letter_code
_entity_poly.pdbx_strand_id
1 'polypeptide(L)'
;MNEQLNHLYGLPSHAIEALKCVFKEYSQIDNAILYGSRAKGTYHQGSDIDLCLTGNLLGITELLAIENKIDDLLLPWKVD
ISLKHTIDNPDLLEHIERAGILFYTKES
;
E
2 'polypeptide(L)'
;MTNIDVRWQQRLNNYARALQQLSLAVNLAQTRPLSDLEKQGLIQAFEFTHELAWNVMKDYFFFQGNSAITGSRDATRESF
NKGLIKEGEIWMEMIKSRNQTSHTYNQSVADEIVKNIINFYHTSFQAFLEKMQGLKEHE
;
C,D,A,B
#
# COMPACT_ATOMS: atom_id res chain seq x y z
N GLN A 4 4.23 16.34 17.91
CA GLN A 4 5.17 17.20 18.63
C GLN A 4 4.95 17.07 20.13
N LEU A 5 3.69 17.05 20.56
CA LEU A 5 3.34 16.86 21.98
C LEU A 5 3.46 15.37 22.29
N ASN A 6 4.57 14.98 22.91
CA ASN A 6 4.87 13.59 23.16
C ASN A 6 4.73 13.26 24.64
N HIS A 7 4.62 11.97 24.93
CA HIS A 7 4.55 11.46 26.30
C HIS A 7 5.80 10.67 26.67
N LEU A 8 6.13 9.64 25.89
CA LEU A 8 7.34 8.86 26.09
C LEU A 8 7.87 8.38 24.75
N TYR A 9 9.17 8.11 24.71
CA TYR A 9 9.82 7.51 23.54
C TYR A 9 9.57 8.34 22.28
N GLY A 10 9.33 9.63 22.44
CA GLY A 10 9.02 10.48 21.31
C GLY A 10 7.66 10.23 20.68
N LEU A 11 6.77 9.52 21.36
CA LEU A 11 5.45 9.19 20.84
C LEU A 11 4.37 9.86 21.69
N PRO A 12 3.26 10.26 21.08
CA PRO A 12 2.14 10.77 21.87
C PRO A 12 1.52 9.67 22.71
N SER A 13 0.86 10.10 23.80
CA SER A 13 0.26 9.14 24.72
C SER A 13 -0.74 8.23 24.01
N HIS A 14 -1.59 8.81 23.15
CA HIS A 14 -2.65 8.01 22.53
C HIS A 14 -2.08 6.93 21.63
N ALA A 15 -0.93 7.17 21.02
CA ALA A 15 -0.30 6.13 20.20
C ALA A 15 0.15 4.96 21.07
N ILE A 16 0.81 5.26 22.20
CA ILE A 16 1.25 4.21 23.11
C ILE A 16 0.06 3.40 23.60
N GLU A 17 -1.01 4.09 24.00
CA GLU A 17 -2.17 3.40 24.54
C GLU A 17 -2.88 2.58 23.48
N ALA A 18 -2.94 3.08 22.24
CA ALA A 18 -3.56 2.33 21.17
C ALA A 18 -2.84 1.01 20.93
N LEU A 19 -1.51 1.02 21.02
CA LEU A 19 -0.76 -0.22 20.88
C LEU A 19 -1.01 -1.14 22.06
N LYS A 20 -0.97 -0.59 23.28
CA LYS A 20 -1.33 -1.37 24.45
C LYS A 20 -2.72 -1.98 24.31
N CYS A 21 -3.66 -1.22 23.74
CA CYS A 21 -4.99 -1.74 23.48
C CYS A 21 -4.93 -3.02 22.66
N VAL A 22 -4.19 -2.99 21.55
CA VAL A 22 -4.12 -4.15 20.66
C VAL A 22 -3.47 -5.34 21.36
N PHE A 23 -2.51 -5.09 22.25
CA PHE A 23 -1.90 -6.18 23.00
C PHE A 23 -2.85 -6.75 24.05
N LYS A 24 -3.77 -5.93 24.58
CA LYS A 24 -4.72 -6.42 25.56
C LYS A 24 -5.65 -7.47 24.99
N GLU A 25 -5.82 -7.51 23.67
CA GLU A 25 -6.67 -8.51 23.04
C GLU A 25 -6.07 -9.91 23.07
N TYR A 26 -4.79 -10.04 23.42
CA TYR A 26 -4.07 -11.31 23.35
C TYR A 26 -3.58 -11.68 24.74
N SER A 27 -4.16 -12.75 25.31
CA SER A 27 -3.73 -13.23 26.61
C SER A 27 -2.37 -13.91 26.55
N GLN A 28 -1.90 -14.27 25.36
CA GLN A 28 -0.61 -14.94 25.22
C GLN A 28 0.56 -13.98 25.35
N ILE A 29 0.32 -12.67 25.36
CA ILE A 29 1.38 -11.69 25.48
C ILE A 29 1.63 -11.44 26.96
N ASP A 30 2.75 -11.96 27.47
CA ASP A 30 3.11 -11.69 28.86
C ASP A 30 3.52 -10.23 29.04
N ASN A 31 4.25 -9.68 28.08
CA ASN A 31 4.66 -8.29 28.10
C ASN A 31 5.21 -7.92 26.74
N ALA A 32 5.61 -6.66 26.59
CA ALA A 32 6.22 -6.16 25.36
C ALA A 32 7.33 -5.19 25.74
N ILE A 33 8.49 -5.36 25.11
CA ILE A 33 9.68 -4.55 25.43
C ILE A 33 10.01 -3.68 24.23
N LEU A 34 10.15 -2.38 24.46
CA LEU A 34 10.54 -1.44 23.43
C LEU A 34 12.07 -1.37 23.37
N TYR A 35 12.61 -1.56 22.17
CA TYR A 35 14.04 -1.39 21.94
C TYR A 35 14.25 -0.47 20.74
N GLY A 36 15.48 -0.43 20.23
CA GLY A 36 15.76 0.41 19.08
C GLY A 36 16.06 1.85 19.47
N SER A 37 15.90 2.74 18.49
CA SER A 37 16.26 4.14 18.69
C SER A 37 15.36 4.82 19.71
N ARG A 38 14.06 4.54 19.67
CA ARG A 38 13.13 5.18 20.60
C ARG A 38 13.38 4.77 22.04
N ALA A 39 14.05 3.64 22.27
CA ALA A 39 14.47 3.26 23.61
C ALA A 39 15.79 3.90 23.99
N LYS A 40 16.62 4.28 23.01
CA LYS A 40 17.92 4.88 23.26
C LYS A 40 17.88 6.40 23.27
N GLY A 41 16.77 7.01 22.86
CA GLY A 41 16.70 8.45 22.70
C GLY A 41 17.33 8.98 21.44
N THR A 42 17.95 8.11 20.63
CA THR A 42 18.58 8.50 19.37
C THR A 42 17.60 8.47 18.20
N TYR A 43 16.34 8.82 18.44
CA TYR A 43 15.29 8.72 17.43
C TYR A 43 15.07 10.05 16.75
N HIS A 44 14.65 10.00 15.49
CA HIS A 44 14.16 11.16 14.78
C HIS A 44 12.65 11.05 14.61
N GLN A 45 12.05 12.12 14.09
CA GLN A 45 10.61 12.28 14.14
C GLN A 45 9.86 11.06 13.62
N GLY A 46 10.28 10.54 12.47
CA GLY A 46 9.56 9.44 11.84
C GLY A 46 10.18 8.08 12.10
N SER A 47 10.93 7.95 13.20
CA SER A 47 11.63 6.70 13.48
C SER A 47 10.64 5.57 13.75
N ASP A 48 11.06 4.36 13.38
CA ASP A 48 10.25 3.17 13.62
C ASP A 48 10.00 3.00 15.12
N ILE A 49 9.04 2.13 15.43
CA ILE A 49 8.74 1.72 16.80
C ILE A 49 9.09 0.24 16.88
N ASP A 50 10.22 -0.07 17.52
CA ASP A 50 10.71 -1.45 17.61
C ASP A 50 10.24 -2.07 18.91
N LEU A 51 9.40 -3.10 18.81
CA LEU A 51 8.81 -3.77 19.96
C LEU A 51 9.05 -5.26 19.87
N CYS A 52 9.26 -5.90 21.02
CA CYS A 52 9.48 -7.34 21.11
C CYS A 52 8.50 -7.92 22.11
N LEU A 53 7.63 -8.82 21.64
CA LEU A 53 6.58 -9.40 22.46
C LEU A 53 7.12 -10.62 23.18
N THR A 54 7.19 -10.54 24.51
CA THR A 54 7.61 -11.67 25.33
C THR A 54 6.38 -12.52 25.62
N GLY A 55 6.37 -13.75 25.10
CA GLY A 55 5.27 -14.66 25.31
C GLY A 55 5.60 -16.07 24.86
N ASN A 56 5.10 -17.07 25.57
CA ASN A 56 5.42 -18.45 25.27
C ASN A 56 4.39 -19.11 24.37
N LEU A 57 3.11 -18.77 24.55
CA LEU A 57 2.05 -19.33 23.73
C LEU A 57 1.88 -18.62 22.39
N LEU A 58 2.75 -17.66 22.08
CA LEU A 58 2.61 -16.85 20.86
C LEU A 58 3.27 -17.57 19.69
N GLY A 59 2.47 -17.87 18.66
CA GLY A 59 2.97 -18.39 17.42
C GLY A 59 2.99 -17.33 16.33
N ILE A 60 3.49 -17.73 15.16
CA ILE A 60 3.58 -16.80 14.03
C ILE A 60 2.19 -16.37 13.59
N THR A 61 1.18 -17.21 13.84
CA THR A 61 -0.18 -16.83 13.48
C THR A 61 -0.64 -15.59 14.23
N GLU A 62 -0.53 -15.62 15.57
CA GLU A 62 -0.85 -14.44 16.37
C GLU A 62 0.07 -13.28 15.98
N LEU A 63 1.33 -13.59 15.67
CA LEU A 63 2.29 -12.54 15.29
C LEU A 63 1.77 -11.73 14.10
N LEU A 64 1.34 -12.41 13.04
CA LEU A 64 0.86 -11.72 11.86
C LEU A 64 -0.50 -11.08 12.08
N ALA A 65 -1.33 -11.69 12.94
CA ALA A 65 -2.62 -11.08 13.25
C ALA A 65 -2.43 -9.77 14.02
N ILE A 66 -1.52 -9.74 14.99
CA ILE A 66 -1.25 -8.51 15.73
C ILE A 66 -0.72 -7.43 14.78
N GLU A 67 0.18 -7.80 13.87
CA GLU A 67 0.70 -6.83 12.92
C GLU A 67 -0.43 -6.23 12.09
N ASN A 68 -1.38 -7.06 11.67
CA ASN A 68 -2.50 -6.54 10.87
C ASN A 68 -3.36 -5.59 11.69
N LYS A 69 -3.56 -5.91 12.99
CA LYS A 69 -4.34 -5.01 13.84
C LYS A 69 -3.61 -3.69 14.05
N ILE A 70 -2.31 -3.75 14.33
CA ILE A 70 -1.52 -2.53 14.49
C ILE A 70 -1.65 -1.67 13.24
N ASP A 71 -1.50 -2.28 12.07
CA ASP A 71 -1.65 -1.54 10.82
C ASP A 71 -3.00 -0.83 10.75
N ASP A 72 -4.06 -1.50 11.22
CA ASP A 72 -5.40 -0.91 11.16
C ASP A 72 -5.56 0.29 12.08
N LEU A 73 -4.67 0.45 13.07
CA LEU A 73 -4.71 1.65 13.91
C LEU A 73 -4.46 2.91 13.09
N LEU A 74 -3.91 2.79 11.89
CA LEU A 74 -3.62 3.93 11.02
C LEU A 74 -2.64 4.89 11.69
N LEU A 75 -1.62 4.33 12.36
CA LEU A 75 -0.54 5.14 12.91
C LEU A 75 0.45 5.52 11.80
N PRO A 76 1.05 6.70 11.89
CA PRO A 76 2.05 7.06 10.86
C PRO A 76 3.35 6.29 10.98
N TRP A 77 3.79 5.97 12.19
CA TRP A 77 5.03 5.24 12.38
C TRP A 77 4.86 3.78 11.94
N LYS A 78 5.95 3.23 11.40
CA LYS A 78 6.02 1.78 11.19
C LYS A 78 6.32 1.10 12.53
N VAL A 79 5.77 -0.10 12.69
CA VAL A 79 6.00 -0.90 13.89
C VAL A 79 6.62 -2.21 13.45
N ASP A 80 7.82 -2.49 13.97
CA ASP A 80 8.50 -3.77 13.74
C ASP A 80 8.27 -4.61 14.99
N ILE A 81 7.38 -5.59 14.87
CA ILE A 81 7.00 -6.46 15.98
C ILE A 81 7.64 -7.83 15.76
N SER A 82 8.11 -8.43 16.85
CA SER A 82 8.78 -9.71 16.78
C SER A 82 8.60 -10.46 18.09
N LEU A 83 8.51 -11.78 18.00
CA LEU A 83 8.37 -12.62 19.18
C LEU A 83 9.73 -12.89 19.80
N LYS A 84 9.77 -12.91 21.14
CA LYS A 84 11.05 -13.04 21.84
C LYS A 84 11.69 -14.40 21.60
N HIS A 85 10.94 -15.47 21.83
CA HIS A 85 11.50 -16.82 21.74
C HIS A 85 11.80 -17.26 20.30
N THR A 86 11.48 -16.43 19.30
CA THR A 86 11.76 -16.76 17.90
C THR A 86 13.02 -16.09 17.38
N ILE A 87 13.78 -15.43 18.24
CA ILE A 87 14.99 -14.70 17.84
C ILE A 87 16.20 -15.54 18.19
N ASP A 88 17.12 -15.67 17.22
CA ASP A 88 18.38 -16.39 17.45
C ASP A 88 19.59 -15.52 17.08
N ASN A 89 19.42 -14.20 17.06
CA ASN A 89 20.51 -13.27 16.78
C ASN A 89 21.11 -12.81 18.10
N PRO A 90 22.24 -13.36 18.54
CA PRO A 90 22.81 -12.94 19.83
C PRO A 90 22.91 -11.43 20.01
N ASP A 91 23.30 -10.70 18.96
CA ASP A 91 23.44 -9.26 19.09
C ASP A 91 22.11 -8.59 19.39
N LEU A 92 21.05 -9.01 18.69
CA LEU A 92 19.73 -8.42 18.93
C LEU A 92 19.25 -8.70 20.34
N LEU A 93 19.38 -9.95 20.79
CA LEU A 93 19.02 -10.29 22.16
C LEU A 93 19.77 -9.41 23.16
N GLU A 94 21.10 -9.32 23.00
CA GLU A 94 21.89 -8.48 23.89
C GLU A 94 21.34 -7.07 23.97
N HIS A 95 20.95 -6.50 22.83
CA HIS A 95 20.45 -5.13 22.82
C HIS A 95 19.12 -5.02 23.57
N ILE A 96 18.25 -6.04 23.42
CA ILE A 96 16.94 -5.97 24.07
C ILE A 96 17.09 -6.09 25.59
N GLU A 97 17.97 -6.97 26.05
CA GLU A 97 18.14 -7.16 27.49
C GLU A 97 18.92 -6.03 28.14
N ARG A 98 19.71 -5.28 27.37
CA ARG A 98 20.54 -4.21 27.92
C ARG A 98 19.80 -2.87 27.91
N ALA A 99 19.22 -2.50 26.76
CA ALA A 99 18.63 -1.19 26.58
C ALA A 99 17.11 -1.22 26.41
N GLY A 100 16.50 -2.40 26.48
CA GLY A 100 15.06 -2.48 26.31
C GLY A 100 14.31 -1.87 27.47
N ILE A 101 13.22 -1.17 27.16
CA ILE A 101 12.33 -0.57 28.15
C ILE A 101 11.01 -1.33 28.14
N LEU A 102 10.50 -1.62 29.33
CA LEU A 102 9.23 -2.34 29.44
C LEU A 102 8.10 -1.44 28.95
N PHE A 103 7.56 -1.75 27.77
CA PHE A 103 6.57 -0.91 27.10
C PHE A 103 5.15 -1.26 27.50
N TYR A 104 4.87 -2.53 27.78
CA TYR A 104 3.52 -2.96 28.15
C TYR A 104 3.63 -4.20 29.01
N THR A 105 2.68 -4.35 29.93
CA THR A 105 2.63 -5.50 30.82
C THR A 105 1.19 -5.97 30.93
N LYS A 106 1.00 -7.28 30.83
CA LYS A 106 -0.32 -7.88 31.04
C LYS A 106 -0.60 -7.93 32.54
N GLU A 107 -1.79 -7.47 32.92
CA GLU A 107 -2.19 -7.49 34.33
C GLU A 107 -3.50 -8.27 34.52
N VAL B 6 12.27 10.26 -13.54
CA VAL B 6 11.44 10.98 -14.48
C VAL B 6 9.97 10.80 -14.16
N ARG B 7 9.56 9.54 -13.95
CA ARG B 7 8.14 9.24 -13.75
C ARG B 7 7.58 10.03 -12.56
N TRP B 8 8.27 9.99 -11.42
CA TRP B 8 7.80 10.72 -10.25
C TRP B 8 7.86 12.23 -10.45
N GLN B 9 8.62 12.71 -11.44
CA GLN B 9 8.66 14.14 -11.71
C GLN B 9 7.47 14.61 -12.52
N GLN B 10 6.93 13.76 -13.40
CA GLN B 10 5.69 14.11 -14.10
C GLN B 10 4.51 14.05 -13.15
N ARG B 11 4.45 12.99 -12.32
CA ARG B 11 3.44 12.93 -11.28
C ARG B 11 3.51 14.15 -10.37
N LEU B 12 4.72 14.64 -10.11
CA LEU B 12 4.86 15.82 -9.26
C LEU B 12 4.35 17.08 -9.96
N ASN B 13 4.51 17.17 -11.28
CA ASN B 13 3.96 18.31 -12.01
C ASN B 13 2.43 18.29 -11.98
N ASN B 14 1.83 17.12 -12.23
CA ASN B 14 0.38 17.02 -12.10
C ASN B 14 -0.07 17.35 -10.69
N TYR B 15 0.69 16.90 -9.68
CA TYR B 15 0.39 17.25 -8.31
C TYR B 15 0.44 18.75 -8.09
N ALA B 16 1.43 19.42 -8.71
CA ALA B 16 1.54 20.87 -8.56
C ALA B 16 0.33 21.58 -9.16
N ARG B 17 -0.14 21.12 -10.31
CA ARG B 17 -1.35 21.70 -10.90
C ARG B 17 -2.56 21.50 -9.99
N ALA B 18 -2.76 20.27 -9.53
CA ALA B 18 -3.87 19.98 -8.62
C ALA B 18 -3.78 20.83 -7.36
N LEU B 19 -2.58 21.02 -6.83
CA LEU B 19 -2.41 21.82 -5.63
C LEU B 19 -2.61 23.30 -5.90
N GLN B 20 -2.31 23.76 -7.12
CA GLN B 20 -2.69 25.13 -7.49
C GLN B 20 -4.19 25.31 -7.36
N GLN B 21 -4.96 24.39 -7.95
CA GLN B 21 -6.41 24.49 -7.86
C GLN B 21 -6.88 24.43 -6.40
N LEU B 22 -6.34 23.48 -5.64
CA LEU B 22 -6.74 23.34 -4.24
C LEU B 22 -6.37 24.58 -3.43
N SER B 23 -5.23 25.20 -3.74
CA SER B 23 -4.81 26.40 -3.04
C SER B 23 -5.76 27.55 -3.34
N LEU B 24 -6.18 27.69 -4.60
CA LEU B 24 -7.21 28.67 -4.92
C LEU B 24 -8.45 28.45 -4.04
N ALA B 25 -8.93 27.20 -4.00
CA ALA B 25 -10.13 26.91 -3.22
C ALA B 25 -9.93 27.26 -1.74
N VAL B 26 -8.82 26.80 -1.16
CA VAL B 26 -8.56 27.03 0.26
C VAL B 26 -8.47 28.52 0.55
N ASN B 27 -7.70 29.26 -0.24
CA ASN B 27 -7.58 30.70 -0.05
C ASN B 27 -8.94 31.38 -0.15
N LEU B 28 -9.83 30.87 -1.00
CA LEU B 28 -11.20 31.37 -1.00
C LEU B 28 -11.87 31.07 0.35
N ALA B 29 -11.62 29.89 0.90
CA ALA B 29 -12.26 29.53 2.17
C ALA B 29 -11.73 30.34 3.34
N GLN B 30 -10.46 30.75 3.30
CA GLN B 30 -9.88 31.50 4.41
C GLN B 30 -10.27 32.98 4.39
N THR B 31 -10.95 33.45 3.35
CA THR B 31 -11.39 34.83 3.29
C THR B 31 -12.90 35.00 3.44
N ARG B 32 -13.68 33.93 3.30
CA ARG B 32 -15.12 34.01 3.47
C ARG B 32 -15.69 32.61 3.64
N PRO B 33 -16.83 32.46 4.31
CA PRO B 33 -17.43 31.12 4.44
C PRO B 33 -17.91 30.60 3.09
N LEU B 34 -17.75 29.30 2.90
CA LEU B 34 -18.12 28.64 1.66
C LEU B 34 -19.51 28.05 1.75
N SER B 35 -20.18 27.97 0.60
CA SER B 35 -21.46 27.29 0.52
C SER B 35 -21.25 25.78 0.52
N ASP B 36 -22.35 25.05 0.71
CA ASP B 36 -22.27 23.58 0.72
C ASP B 36 -21.64 23.05 -0.56
N LEU B 37 -22.07 23.58 -1.70
CA LEU B 37 -21.52 23.13 -2.98
C LEU B 37 -20.02 23.41 -3.05
N GLU B 38 -19.60 24.60 -2.61
CA GLU B 38 -18.17 24.90 -2.61
C GLU B 38 -17.42 24.01 -1.62
N LYS B 39 -18.06 23.61 -0.52
CA LYS B 39 -17.42 22.67 0.40
C LYS B 39 -17.21 21.32 -0.26
N GLN B 40 -18.21 20.84 -1.00
CA GLN B 40 -18.06 19.58 -1.72
C GLN B 40 -16.97 19.70 -2.78
N GLY B 41 -16.89 20.84 -3.46
CA GLY B 41 -15.83 21.05 -4.44
C GLY B 41 -14.46 21.05 -3.79
N LEU B 42 -14.34 21.67 -2.61
CA LEU B 42 -13.09 21.64 -1.87
C LEU B 42 -12.72 20.21 -1.49
N ILE B 43 -13.71 19.40 -1.10
CA ILE B 43 -13.45 18.01 -0.77
C ILE B 43 -12.92 17.27 -1.99
N GLN B 44 -13.56 17.48 -3.15
CA GLN B 44 -13.10 16.82 -4.38
C GLN B 44 -11.67 17.24 -4.73
N ALA B 45 -11.37 18.53 -4.57
CA ALA B 45 -10.02 19.02 -4.89
C ALA B 45 -9.00 18.39 -3.95
N PHE B 46 -9.31 18.35 -2.65
CA PHE B 46 -8.44 17.65 -1.71
C PHE B 46 -8.26 16.20 -2.13
N GLU B 47 -9.33 15.55 -2.60
CA GLU B 47 -9.25 14.15 -2.96
C GLU B 47 -8.25 13.94 -4.08
N PHE B 48 -8.38 14.69 -5.18
CA PHE B 48 -7.46 14.43 -6.30
C PHE B 48 -6.05 14.92 -5.98
N THR B 49 -5.92 15.96 -5.16
CA THR B 49 -4.59 16.39 -4.75
C THR B 49 -3.89 15.33 -3.91
N HIS B 50 -4.62 14.72 -2.98
CA HIS B 50 -4.03 13.68 -2.12
C HIS B 50 -3.73 12.42 -2.91
N GLU B 51 -4.60 12.06 -3.85
CA GLU B 51 -4.31 10.94 -4.73
C GLU B 51 -2.98 11.17 -5.45
N LEU B 52 -2.83 12.33 -6.10
CA LEU B 52 -1.57 12.64 -6.75
C LEU B 52 -0.41 12.59 -5.77
N ALA B 53 -0.62 13.09 -4.54
CA ALA B 53 0.48 13.17 -3.58
C ALA B 53 1.00 11.78 -3.20
N TRP B 54 0.09 10.88 -2.82
CA TRP B 54 0.57 9.56 -2.38
C TRP B 54 1.07 8.74 -3.56
N ASN B 55 0.52 8.95 -4.76
CA ASN B 55 1.14 8.32 -5.93
C ASN B 55 2.53 8.88 -6.20
N VAL B 56 2.76 10.16 -5.90
CA VAL B 56 4.09 10.73 -6.03
C VAL B 56 5.05 10.04 -5.07
N MET B 57 4.61 9.85 -3.82
CA MET B 57 5.45 9.13 -2.87
C MET B 57 5.78 7.73 -3.38
N LYS B 58 4.77 7.01 -3.89
CA LYS B 58 5.00 5.66 -4.38
C LYS B 58 5.99 5.65 -5.53
N ASP B 59 5.80 6.55 -6.51
CA ASP B 59 6.72 6.62 -7.64
C ASP B 59 8.14 6.94 -7.17
N TYR B 60 8.28 7.90 -6.26
CA TYR B 60 9.61 8.27 -5.80
C TYR B 60 10.30 7.11 -5.11
N PHE B 61 9.57 6.36 -4.26
CA PHE B 61 10.21 5.28 -3.53
C PHE B 61 10.50 4.08 -4.43
N PHE B 62 9.69 3.87 -5.47
CA PHE B 62 10.06 2.89 -6.48
C PHE B 62 11.34 3.32 -7.19
N PHE B 63 11.44 4.60 -7.53
CA PHE B 63 12.67 5.14 -8.13
C PHE B 63 13.87 4.95 -7.21
N GLN B 64 13.64 4.96 -5.89
CA GLN B 64 14.71 4.74 -4.93
C GLN B 64 15.08 3.27 -4.76
N GLY B 65 14.28 2.35 -5.31
CA GLY B 65 14.53 0.93 -5.14
C GLY B 65 13.59 0.21 -4.20
N ASN B 66 12.53 0.88 -3.73
CA ASN B 66 11.53 0.27 -2.86
C ASN B 66 10.29 -0.03 -3.68
N SER B 67 10.07 -1.31 -3.99
CA SER B 67 8.91 -1.75 -4.75
C SER B 67 7.87 -2.44 -3.87
N ALA B 68 7.98 -2.35 -2.55
CA ALA B 68 7.06 -3.00 -1.64
C ALA B 68 5.84 -2.16 -1.32
N ILE B 69 5.90 -0.85 -1.54
CA ILE B 69 4.75 0.02 -1.28
C ILE B 69 3.63 -0.31 -2.27
N THR B 70 2.41 -0.47 -1.77
CA THR B 70 1.26 -0.75 -2.60
C THR B 70 0.23 0.37 -2.57
N GLY B 71 -0.19 0.83 -1.40
CA GLY B 71 -1.26 1.81 -1.30
C GLY B 71 -0.88 3.10 -0.59
N SER B 72 -1.89 3.91 -0.27
CA SER B 72 -1.63 5.20 0.37
C SER B 72 -1.04 5.01 1.78
N ARG B 73 -1.47 3.98 2.49
CA ARG B 73 -0.94 3.74 3.83
C ARG B 73 0.57 3.52 3.80
N ASP B 74 1.02 2.58 2.97
CA ASP B 74 2.45 2.27 2.89
C ASP B 74 3.24 3.49 2.42
N ALA B 75 2.74 4.16 1.38
CA ALA B 75 3.43 5.34 0.86
C ALA B 75 3.58 6.39 1.96
N THR B 76 2.51 6.65 2.70
CA THR B 76 2.57 7.67 3.75
C THR B 76 3.56 7.27 4.85
N ARG B 77 3.49 6.02 5.29
CA ARG B 77 4.38 5.58 6.37
C ARG B 77 5.85 5.66 5.93
N GLU B 78 6.15 5.23 4.70
CA GLU B 78 7.53 5.29 4.23
C GLU B 78 7.99 6.72 4.07
N SER B 79 7.11 7.62 3.59
CA SER B 79 7.47 9.02 3.48
C SER B 79 7.77 9.61 4.86
N PHE B 80 6.99 9.22 5.87
CA PHE B 80 7.25 9.69 7.22
C PHE B 80 8.57 9.16 7.75
N ASN B 81 8.87 7.89 7.48
CA ASN B 81 10.10 7.29 7.99
C ASN B 81 11.34 7.86 7.32
N LYS B 82 11.23 8.24 6.04
CA LYS B 82 12.37 8.70 5.26
C LYS B 82 12.48 10.22 5.19
N GLY B 83 11.61 10.95 5.89
CA GLY B 83 11.72 12.39 5.98
C GLY B 83 11.04 13.18 4.90
N LEU B 84 10.26 12.54 4.03
CA LEU B 84 9.57 13.30 2.99
C LEU B 84 8.42 14.12 3.58
N ILE B 85 7.77 13.62 4.62
CA ILE B 85 6.74 14.35 5.34
C ILE B 85 7.11 14.34 6.82
N LYS B 86 6.63 15.35 7.55
CA LYS B 86 6.99 15.54 8.95
C LYS B 86 5.83 15.31 9.91
N GLU B 87 4.59 15.52 9.49
CA GLU B 87 3.43 15.35 10.36
C GLU B 87 2.61 14.17 9.84
N GLY B 88 3.05 12.96 10.20
CA GLY B 88 2.41 11.76 9.67
C GLY B 88 0.95 11.65 10.06
N GLU B 89 0.61 11.97 11.31
CA GLU B 89 -0.77 11.83 11.77
C GLU B 89 -1.74 12.59 10.87
N ILE B 90 -1.32 13.76 10.36
CA ILE B 90 -2.20 14.53 9.48
C ILE B 90 -2.44 13.78 8.18
N TRP B 91 -1.41 13.12 7.64
CA TRP B 91 -1.60 12.36 6.40
C TRP B 91 -2.44 11.11 6.64
N MET B 92 -2.28 10.47 7.79
CA MET B 92 -3.16 9.34 8.11
C MET B 92 -4.61 9.81 8.21
N GLU B 93 -4.83 10.98 8.80
CA GLU B 93 -6.19 11.53 8.84
C GLU B 93 -6.67 11.88 7.44
N MET B 94 -5.77 12.31 6.55
CA MET B 94 -6.12 12.50 5.15
C MET B 94 -6.70 11.21 4.58
N ILE B 95 -6.03 10.09 4.84
CA ILE B 95 -6.53 8.79 4.37
C ILE B 95 -7.92 8.53 4.95
N LYS B 96 -8.09 8.77 6.25
CA LYS B 96 -9.39 8.57 6.87
C LYS B 96 -10.46 9.44 6.22
N SER B 97 -10.12 10.68 5.87
CA SER B 97 -11.06 11.55 5.18
C SER B 97 -11.43 10.97 3.83
N ARG B 98 -10.44 10.52 3.06
CA ARG B 98 -10.71 9.86 1.79
C ARG B 98 -11.74 8.75 1.99
N ASN B 99 -11.55 7.93 3.03
CA ASN B 99 -12.47 6.84 3.29
C ASN B 99 -13.89 7.32 3.61
N GLN B 100 -14.08 8.61 3.87
CA GLN B 100 -15.40 9.17 4.17
C GLN B 100 -16.00 9.92 3.00
N THR B 101 -15.43 9.80 1.80
CA THR B 101 -15.88 10.63 0.68
C THR B 101 -17.34 10.37 0.35
N SER B 102 -17.80 9.11 0.49
CA SER B 102 -19.16 8.77 0.12
C SER B 102 -20.20 9.31 1.08
N HIS B 103 -19.80 9.73 2.29
CA HIS B 103 -20.72 10.24 3.29
C HIS B 103 -20.65 11.76 3.43
N THR B 104 -20.13 12.47 2.43
CA THR B 104 -20.08 13.92 2.49
C THR B 104 -21.43 14.57 2.25
N TYR B 105 -22.47 13.80 1.94
CA TYR B 105 -23.82 14.36 1.83
C TYR B 105 -24.42 14.65 3.20
N ASN B 106 -23.91 14.03 4.26
CA ASN B 106 -24.21 14.47 5.61
C ASN B 106 -23.30 15.66 5.92
N GLN B 107 -23.91 16.80 6.23
CA GLN B 107 -23.13 18.03 6.34
C GLN B 107 -22.14 18.00 7.50
N SER B 108 -22.37 17.15 8.52
CA SER B 108 -21.41 17.07 9.61
C SER B 108 -20.07 16.53 9.13
N VAL B 109 -20.09 15.41 8.41
CA VAL B 109 -18.86 14.82 7.89
C VAL B 109 -18.16 15.81 6.97
N ALA B 110 -18.93 16.43 6.06
CA ALA B 110 -18.35 17.38 5.12
C ALA B 110 -17.69 18.55 5.85
N ASP B 111 -18.37 19.07 6.88
CA ASP B 111 -17.82 20.20 7.63
C ASP B 111 -16.52 19.82 8.34
N GLU B 112 -16.49 18.63 8.96
CA GLU B 112 -15.28 18.17 9.61
C GLU B 112 -14.13 18.05 8.61
N ILE B 113 -14.40 17.43 7.46
CA ILE B 113 -13.35 17.25 6.46
C ILE B 113 -12.89 18.59 5.91
N VAL B 114 -13.81 19.54 5.74
CA VAL B 114 -13.45 20.85 5.23
C VAL B 114 -12.56 21.58 6.22
N LYS B 115 -12.91 21.51 7.51
CA LYS B 115 -12.05 22.09 8.54
C LYS B 115 -10.66 21.49 8.48
N ASN B 116 -10.56 20.16 8.37
CA ASN B 116 -9.26 19.53 8.28
C ASN B 116 -8.50 19.99 7.03
N ILE B 117 -9.20 20.16 5.91
CA ILE B 117 -8.54 20.59 4.68
C ILE B 117 -7.96 21.98 4.84
N ILE B 118 -8.75 22.90 5.40
CA ILE B 118 -8.31 24.29 5.49
C ILE B 118 -7.21 24.44 6.53
N ASN B 119 -7.36 23.78 7.68
CA ASN B 119 -6.47 24.03 8.81
C ASN B 119 -5.18 23.23 8.78
N PHE B 120 -5.12 22.12 8.03
CA PHE B 120 -3.97 21.23 8.14
C PHE B 120 -3.51 20.68 6.79
N TYR B 121 -4.43 20.18 5.97
CA TYR B 121 -4.02 19.46 4.78
C TYR B 121 -3.30 20.38 3.79
N HIS B 122 -3.72 21.64 3.68
CA HIS B 122 -3.11 22.52 2.69
C HIS B 122 -1.65 22.80 3.04
N THR B 123 -1.37 23.12 4.31
CA THR B 123 0.01 23.35 4.72
C THR B 123 0.88 22.13 4.44
N SER B 124 0.37 20.93 4.74
CA SER B 124 1.13 19.72 4.51
C SER B 124 1.37 19.49 3.02
N PHE B 125 0.36 19.74 2.19
CA PHE B 125 0.53 19.60 0.75
C PHE B 125 1.60 20.56 0.23
N GLN B 126 1.58 21.81 0.70
CA GLN B 126 2.58 22.77 0.26
C GLN B 126 3.98 22.34 0.71
N ALA B 127 4.10 21.85 1.95
CA ALA B 127 5.40 21.39 2.43
C ALA B 127 5.91 20.22 1.59
N PHE B 128 5.01 19.28 1.26
CA PHE B 128 5.42 18.14 0.43
C PHE B 128 5.84 18.60 -0.96
N LEU B 129 5.13 19.57 -1.54
CA LEU B 129 5.50 20.08 -2.85
C LEU B 129 6.88 20.74 -2.80
N GLU B 130 7.15 21.50 -1.75
CA GLU B 130 8.47 22.14 -1.64
C GLU B 130 9.57 21.10 -1.47
N LYS B 131 9.32 20.06 -0.66
CA LYS B 131 10.34 19.05 -0.43
C LYS B 131 10.65 18.29 -1.73
N MET B 132 9.63 17.78 -2.40
CA MET B 132 9.85 16.98 -3.61
C MET B 132 10.53 17.81 -4.69
N GLN B 133 10.12 19.07 -4.86
CA GLN B 133 10.75 19.90 -5.88
C GLN B 133 12.23 20.10 -5.62
N GLY B 134 12.62 20.17 -4.35
CA GLY B 134 14.03 20.31 -4.00
C GLY B 134 14.86 19.06 -4.21
N LEU B 135 14.23 17.91 -4.49
CA LEU B 135 14.93 16.67 -4.72
C LEU B 135 15.06 16.31 -6.19
N LYS B 136 14.63 17.18 -7.09
CA LYS B 136 14.72 16.90 -8.53
C LYS B 136 16.17 16.82 -8.98
N GLN C 9 -36.03 0.48 1.12
CA GLN C 9 -34.78 0.20 1.81
C GLN C 9 -34.28 1.43 2.56
N GLN C 10 -33.52 1.20 3.63
CA GLN C 10 -32.99 2.31 4.41
C GLN C 10 -31.98 3.11 3.60
N ARG C 11 -31.21 2.46 2.72
CA ARG C 11 -30.28 3.17 1.87
C ARG C 11 -30.98 4.00 0.82
N LEU C 12 -32.23 3.66 0.47
CA LEU C 12 -32.99 4.49 -0.47
C LEU C 12 -33.23 5.88 0.09
N ASN C 13 -33.40 5.99 1.42
CA ASN C 13 -33.56 7.31 2.03
C ASN C 13 -32.33 8.17 1.78
N ASN C 14 -31.14 7.66 2.13
CA ASN C 14 -29.93 8.43 1.91
C ASN C 14 -29.74 8.78 0.44
N TYR C 15 -30.12 7.86 -0.46
CA TYR C 15 -30.04 8.17 -1.88
C TYR C 15 -30.93 9.34 -2.24
N ALA C 16 -32.14 9.40 -1.65
CA ALA C 16 -33.04 10.51 -1.93
C ALA C 16 -32.45 11.83 -1.45
N ARG C 17 -31.80 11.82 -0.29
CA ARG C 17 -31.18 13.05 0.21
C ARG C 17 -30.05 13.49 -0.70
N ALA C 18 -29.09 12.60 -0.97
CA ALA C 18 -27.99 12.93 -1.86
C ALA C 18 -28.49 13.46 -3.20
N LEU C 19 -29.53 12.84 -3.75
CA LEU C 19 -30.09 13.30 -5.01
C LEU C 19 -30.74 14.67 -4.86
N GLN C 20 -31.40 14.91 -3.72
CA GLN C 20 -31.96 16.23 -3.46
C GLN C 20 -30.88 17.29 -3.49
N GLN C 21 -29.76 17.03 -2.79
CA GLN C 21 -28.66 17.99 -2.80
C GLN C 21 -28.08 18.15 -4.20
N LEU C 22 -28.01 17.05 -4.95
CA LEU C 22 -27.54 17.14 -6.34
C LEU C 22 -28.49 17.98 -7.19
N SER C 23 -29.80 17.80 -7.00
CA SER C 23 -30.78 18.59 -7.73
C SER C 23 -30.60 20.08 -7.46
N LEU C 24 -30.40 20.44 -6.19
CA LEU C 24 -30.14 21.83 -5.85
C LEU C 24 -28.99 22.39 -6.68
N ALA C 25 -27.89 21.65 -6.75
CA ALA C 25 -26.72 22.13 -7.48
C ALA C 25 -27.02 22.22 -8.98
N VAL C 26 -27.81 21.29 -9.51
CA VAL C 26 -28.14 21.32 -10.93
C VAL C 26 -29.08 22.49 -11.23
N ASN C 27 -30.14 22.62 -10.43
CA ASN C 27 -31.06 23.75 -10.62
C ASN C 27 -30.31 25.08 -10.59
N LEU C 28 -29.30 25.19 -9.72
CA LEU C 28 -28.46 26.39 -9.69
C LEU C 28 -27.66 26.53 -10.98
N ALA C 29 -27.22 25.40 -11.55
CA ALA C 29 -26.40 25.46 -12.75
C ALA C 29 -27.17 25.99 -13.96
N GLN C 30 -28.48 25.75 -14.00
CA GLN C 30 -29.28 26.19 -15.14
C GLN C 30 -29.47 27.71 -15.14
N THR C 31 -29.41 28.34 -13.96
CA THR C 31 -29.74 29.75 -13.84
C THR C 31 -28.54 30.66 -14.04
N ARG C 32 -27.33 30.22 -13.70
CA ARG C 32 -26.15 31.06 -13.83
C ARG C 32 -24.94 30.17 -14.07
N PRO C 33 -23.83 30.74 -14.53
CA PRO C 33 -22.61 29.94 -14.73
C PRO C 33 -21.99 29.55 -13.39
N LEU C 34 -21.48 28.31 -13.34
CA LEU C 34 -20.83 27.80 -12.14
C LEU C 34 -19.34 28.11 -12.19
N SER C 35 -18.77 28.39 -11.02
CA SER C 35 -17.34 28.55 -10.90
C SER C 35 -16.67 27.17 -10.82
N ASP C 36 -15.34 27.17 -10.99
CA ASP C 36 -14.60 25.91 -11.00
C ASP C 36 -14.86 25.11 -9.73
N LEU C 37 -14.77 25.77 -8.57
CA LEU C 37 -15.03 25.08 -7.31
C LEU C 37 -16.44 24.49 -7.28
N GLU C 38 -17.41 25.22 -7.80
CA GLU C 38 -18.77 24.70 -7.85
C GLU C 38 -18.91 23.53 -8.82
N LYS C 39 -18.14 23.54 -9.92
CA LYS C 39 -18.13 22.38 -10.80
C LYS C 39 -17.58 21.15 -10.09
N GLN C 40 -16.47 21.32 -9.35
CA GLN C 40 -15.94 20.20 -8.58
C GLN C 40 -16.96 19.72 -7.54
N GLY C 41 -17.70 20.66 -6.94
CA GLY C 41 -18.74 20.28 -5.99
C GLY C 41 -19.84 19.46 -6.65
N LEU C 42 -20.25 19.86 -7.86
CA LEU C 42 -21.24 19.08 -8.60
C LEU C 42 -20.70 17.67 -8.90
N ILE C 43 -19.41 17.58 -9.21
CA ILE C 43 -18.82 16.27 -9.48
C ILE C 43 -18.87 15.40 -8.21
N GLN C 44 -18.57 15.99 -7.05
CA GLN C 44 -18.64 15.24 -5.80
C GLN C 44 -20.08 14.83 -5.47
N ALA C 45 -21.03 15.71 -5.75
CA ALA C 45 -22.44 15.39 -5.55
C ALA C 45 -22.82 14.17 -6.39
N PHE C 46 -22.48 14.19 -7.68
CA PHE C 46 -22.71 13.03 -8.53
C PHE C 46 -22.01 11.80 -7.97
N GLU C 47 -20.79 11.97 -7.46
CA GLU C 47 -20.05 10.84 -6.88
C GLU C 47 -20.90 10.12 -5.85
N PHE C 48 -21.26 10.82 -4.77
CA PHE C 48 -21.93 10.11 -3.68
C PHE C 48 -23.35 9.72 -4.07
N THR C 49 -23.99 10.48 -4.97
CA THR C 49 -25.32 10.09 -5.44
C THR C 49 -25.27 8.77 -6.19
N HIS C 50 -24.33 8.63 -7.12
CA HIS C 50 -24.23 7.41 -7.90
C HIS C 50 -23.79 6.23 -7.05
N GLU C 51 -22.90 6.48 -6.07
CA GLU C 51 -22.54 5.41 -5.14
C GLU C 51 -23.79 4.89 -4.44
N LEU C 52 -24.57 5.80 -3.86
CA LEU C 52 -25.83 5.41 -3.22
C LEU C 52 -26.73 4.66 -4.19
N ALA C 53 -26.81 5.11 -5.44
CA ALA C 53 -27.74 4.51 -6.39
C ALA C 53 -27.35 3.06 -6.71
N TRP C 54 -26.09 2.83 -7.05
CA TRP C 54 -25.70 1.48 -7.44
C TRP C 54 -25.68 0.55 -6.23
N ASN C 55 -25.41 1.08 -5.03
CA ASN C 55 -25.56 0.22 -3.86
C ASN C 55 -27.03 -0.07 -3.56
N VAL C 56 -27.94 0.85 -3.91
CA VAL C 56 -29.37 0.56 -3.84
C VAL C 56 -29.70 -0.61 -4.75
N MET C 57 -29.22 -0.56 -5.99
CA MET C 57 -29.44 -1.67 -6.92
C MET C 57 -28.90 -2.97 -6.33
N LYS C 58 -27.69 -2.92 -5.76
CA LYS C 58 -27.08 -4.11 -5.18
C LYS C 58 -27.94 -4.70 -4.06
N ASP C 59 -28.42 -3.84 -3.16
CA ASP C 59 -29.25 -4.33 -2.05
C ASP C 59 -30.56 -4.91 -2.57
N TYR C 60 -31.18 -4.22 -3.53
CA TYR C 60 -32.44 -4.72 -4.08
C TYR C 60 -32.27 -6.09 -4.70
N PHE C 61 -31.18 -6.31 -5.43
CA PHE C 61 -30.98 -7.61 -6.06
C PHE C 61 -30.52 -8.66 -5.05
N PHE C 62 -29.83 -8.25 -3.98
CA PHE C 62 -29.47 -9.20 -2.94
C PHE C 62 -30.71 -9.71 -2.22
N PHE C 63 -31.69 -8.82 -1.99
CA PHE C 63 -32.92 -9.25 -1.34
C PHE C 63 -33.67 -10.28 -2.17
N GLN C 64 -33.42 -10.34 -3.48
CA GLN C 64 -34.03 -11.33 -4.36
C GLN C 64 -33.18 -12.59 -4.51
N GLY C 65 -32.22 -12.80 -3.62
CA GLY C 65 -31.36 -13.97 -3.70
C GLY C 65 -30.37 -13.90 -4.85
N ASN C 66 -29.60 -12.81 -4.92
CA ASN C 66 -28.59 -12.63 -5.97
C ASN C 66 -27.41 -11.89 -5.33
N SER C 67 -26.51 -12.65 -4.70
CA SER C 67 -25.28 -12.11 -4.14
C SER C 67 -24.13 -12.11 -5.15
N ALA C 68 -24.44 -12.23 -6.44
CA ALA C 68 -23.43 -12.26 -7.49
C ALA C 68 -23.08 -10.88 -8.00
N ILE C 69 -23.62 -9.82 -7.40
CA ILE C 69 -23.27 -8.46 -7.78
C ILE C 69 -21.96 -8.09 -7.09
N THR C 70 -20.94 -7.78 -7.89
CA THR C 70 -19.61 -7.48 -7.37
C THR C 70 -19.25 -6.01 -7.45
N GLY C 71 -20.06 -5.19 -8.11
CA GLY C 71 -19.73 -3.78 -8.25
C GLY C 71 -20.79 -3.06 -9.04
N SER C 72 -20.53 -1.77 -9.29
CA SER C 72 -21.52 -0.93 -9.95
C SER C 72 -21.85 -1.42 -11.36
N ARG C 73 -20.88 -2.01 -12.05
CA ARG C 73 -21.15 -2.50 -13.40
C ARG C 73 -22.15 -3.66 -13.38
N ASP C 74 -21.93 -4.65 -12.51
CA ASP C 74 -22.86 -5.76 -12.41
C ASP C 74 -24.26 -5.28 -12.05
N ALA C 75 -24.35 -4.39 -11.05
CA ALA C 75 -25.65 -3.88 -10.64
C ALA C 75 -26.34 -3.14 -11.77
N THR C 76 -25.60 -2.28 -12.48
CA THR C 76 -26.18 -1.53 -13.58
C THR C 76 -26.70 -2.46 -14.67
N ARG C 77 -25.90 -3.47 -15.04
CA ARG C 77 -26.33 -4.39 -16.09
C ARG C 77 -27.55 -5.18 -15.65
N GLU C 78 -27.56 -5.68 -14.41
CA GLU C 78 -28.72 -6.41 -13.92
C GLU C 78 -29.96 -5.55 -13.92
N SER C 79 -29.85 -4.29 -13.48
CA SER C 79 -31.00 -3.41 -13.47
C SER C 79 -31.51 -3.14 -14.87
N PHE C 80 -30.60 -2.87 -15.82
CA PHE C 80 -31.01 -2.68 -17.20
C PHE C 80 -31.74 -3.92 -17.72
N ASN C 81 -31.25 -5.11 -17.36
CA ASN C 81 -31.90 -6.34 -17.79
C ASN C 81 -33.24 -6.56 -17.09
N LYS C 82 -33.46 -5.92 -15.94
CA LYS C 82 -34.71 -6.05 -15.21
C LYS C 82 -35.57 -4.78 -15.31
N GLY C 83 -35.29 -3.92 -16.28
CA GLY C 83 -36.08 -2.72 -16.49
C GLY C 83 -36.02 -1.70 -15.38
N LEU C 84 -35.18 -1.90 -14.36
CA LEU C 84 -35.04 -0.89 -13.31
C LEU C 84 -34.51 0.42 -13.86
N ILE C 85 -33.71 0.35 -14.92
CA ILE C 85 -33.25 1.54 -15.64
C ILE C 85 -33.48 1.29 -17.13
N LYS C 86 -33.87 2.33 -17.85
CA LYS C 86 -34.26 2.20 -19.26
C LYS C 86 -33.12 2.48 -20.22
N GLU C 87 -32.16 3.33 -19.85
CA GLU C 87 -31.04 3.68 -20.70
C GLU C 87 -29.76 3.26 -19.99
N GLY C 88 -29.37 2.00 -20.16
CA GLY C 88 -28.15 1.49 -19.55
C GLY C 88 -26.89 2.14 -20.07
N GLU C 89 -26.93 2.70 -21.28
CA GLU C 89 -25.76 3.39 -21.80
C GLU C 89 -25.41 4.59 -20.93
N ILE C 90 -26.42 5.29 -20.41
CA ILE C 90 -26.16 6.46 -19.58
C ILE C 90 -25.47 6.03 -18.29
N TRP C 91 -25.87 4.89 -17.73
CA TRP C 91 -25.25 4.42 -16.49
C TRP C 91 -23.85 3.86 -16.73
N MET C 92 -23.63 3.22 -17.87
CA MET C 92 -22.26 2.85 -18.24
C MET C 92 -21.38 4.09 -18.34
N GLU C 93 -21.90 5.16 -18.95
CA GLU C 93 -21.15 6.41 -19.01
C GLU C 93 -20.93 6.99 -17.62
N MET C 94 -21.91 6.82 -16.72
CA MET C 94 -21.70 7.24 -15.33
C MET C 94 -20.51 6.52 -14.72
N ILE C 95 -20.48 5.19 -14.86
CA ILE C 95 -19.32 4.43 -14.39
C ILE C 95 -18.04 5.01 -14.99
N LYS C 96 -18.07 5.31 -16.28
CA LYS C 96 -16.90 5.92 -16.93
C LYS C 96 -16.49 7.21 -16.22
N SER C 97 -17.47 8.05 -15.88
CA SER C 97 -17.15 9.31 -15.21
C SER C 97 -16.60 9.08 -13.82
N ARG C 98 -17.17 8.13 -13.08
CA ARG C 98 -16.65 7.81 -11.75
C ARG C 98 -15.15 7.54 -11.80
N ASN C 99 -14.70 6.82 -12.82
CA ASN C 99 -13.29 6.46 -12.95
C ASN C 99 -12.41 7.62 -13.40
N GLN C 100 -13.00 8.71 -13.88
CA GLN C 100 -12.26 9.91 -14.26
C GLN C 100 -12.15 10.92 -13.12
N THR C 101 -12.58 10.55 -11.92
CA THR C 101 -12.70 11.53 -10.83
C THR C 101 -11.34 12.07 -10.42
N SER C 102 -10.33 11.21 -10.35
CA SER C 102 -9.00 11.67 -9.94
C SER C 102 -8.39 12.64 -10.94
N HIS C 103 -8.95 12.76 -12.15
CA HIS C 103 -8.39 13.60 -13.20
C HIS C 103 -9.21 14.86 -13.45
N THR C 104 -10.12 15.21 -12.54
CA THR C 104 -10.93 16.42 -12.74
C THR C 104 -10.11 17.70 -12.55
N TYR C 105 -8.88 17.60 -12.07
CA TYR C 105 -8.02 18.78 -12.03
C TYR C 105 -7.64 19.24 -13.44
N ASN C 106 -7.79 18.37 -14.44
CA ASN C 106 -7.70 18.79 -15.84
C ASN C 106 -9.03 19.41 -16.24
N GLN C 107 -8.99 20.65 -16.74
CA GLN C 107 -10.22 21.37 -17.04
C GLN C 107 -11.10 20.60 -18.03
N SER C 108 -10.48 19.95 -19.02
CA SER C 108 -11.25 19.25 -20.04
C SER C 108 -12.05 18.11 -19.43
N VAL C 109 -11.40 17.29 -18.59
CA VAL C 109 -12.08 16.16 -17.96
C VAL C 109 -13.22 16.66 -17.07
N ALA C 110 -12.95 17.70 -16.28
CA ALA C 110 -13.97 18.23 -15.39
C ALA C 110 -15.17 18.74 -16.19
N ASP C 111 -14.91 19.46 -17.29
CA ASP C 111 -16.01 19.98 -18.10
C ASP C 111 -16.81 18.87 -18.75
N GLU C 112 -16.13 17.84 -19.27
CA GLU C 112 -16.84 16.70 -19.82
C GLU C 112 -17.76 16.08 -18.77
N ILE C 113 -17.22 15.81 -17.59
CA ILE C 113 -18.01 15.19 -16.53
C ILE C 113 -19.20 16.07 -16.17
N VAL C 114 -18.96 17.37 -15.99
CA VAL C 114 -20.03 18.28 -15.59
C VAL C 114 -21.14 18.31 -16.64
N LYS C 115 -20.75 18.39 -17.92
CA LYS C 115 -21.73 18.38 -19.00
C LYS C 115 -22.57 17.12 -18.95
N ASN C 116 -21.92 15.97 -18.79
CA ASN C 116 -22.67 14.72 -18.71
C ASN C 116 -23.61 14.71 -17.51
N ILE C 117 -23.17 15.27 -16.38
CA ILE C 117 -24.01 15.35 -15.19
C ILE C 117 -25.27 16.14 -15.49
N ILE C 118 -25.09 17.34 -16.03
CA ILE C 118 -26.23 18.25 -16.16
C ILE C 118 -27.18 17.81 -17.26
N ASN C 119 -26.66 17.21 -18.33
CA ASN C 119 -27.52 16.91 -19.47
C ASN C 119 -28.28 15.60 -19.33
N PHE C 120 -27.61 14.55 -18.83
CA PHE C 120 -28.19 13.22 -18.84
C PHE C 120 -28.33 12.61 -17.45
N TYR C 121 -27.28 12.68 -16.62
CA TYR C 121 -27.26 11.89 -15.40
C TYR C 121 -28.39 12.29 -14.44
N HIS C 122 -28.62 13.59 -14.27
CA HIS C 122 -29.63 14.02 -13.32
C HIS C 122 -30.99 13.41 -13.64
N THR C 123 -31.40 13.48 -14.92
CA THR C 123 -32.68 12.91 -15.31
C THR C 123 -32.74 11.42 -14.98
N SER C 124 -31.67 10.68 -15.30
CA SER C 124 -31.65 9.25 -15.00
C SER C 124 -31.77 9.00 -13.51
N PHE C 125 -31.03 9.75 -12.69
CA PHE C 125 -31.15 9.60 -11.24
C PHE C 125 -32.58 9.80 -10.78
N GLN C 126 -33.23 10.85 -11.27
CA GLN C 126 -34.61 11.12 -10.86
C GLN C 126 -35.54 9.98 -11.27
N ALA C 127 -35.41 9.52 -12.51
CA ALA C 127 -36.25 8.41 -12.97
C ALA C 127 -36.01 7.17 -12.14
N PHE C 128 -34.76 6.91 -11.74
CA PHE C 128 -34.47 5.75 -10.91
C PHE C 128 -35.12 5.88 -9.54
N LEU C 129 -35.06 7.07 -8.93
CA LEU C 129 -35.75 7.28 -7.67
C LEU C 129 -37.25 7.00 -7.80
N GLU C 130 -37.87 7.51 -8.86
CA GLU C 130 -39.30 7.29 -9.07
C GLU C 130 -39.62 5.80 -9.09
N LYS C 131 -38.76 4.99 -9.73
CA LYS C 131 -39.04 3.57 -9.85
C LYS C 131 -38.86 2.84 -8.52
N MET C 132 -37.96 3.31 -7.67
CA MET C 132 -37.72 2.70 -6.38
C MET C 132 -38.53 3.40 -5.29
N VAL D 6 -11.14 -6.17 -18.99
CA VAL D 6 -10.29 -6.06 -20.17
C VAL D 6 -8.81 -6.01 -19.76
N ARG D 7 -8.49 -5.15 -18.80
CA ARG D 7 -7.13 -5.11 -18.27
C ARG D 7 -6.94 -6.19 -17.22
N TRP D 8 -7.96 -6.45 -16.40
CA TRP D 8 -7.87 -7.49 -15.39
C TRP D 8 -7.72 -8.88 -16.02
N GLN D 9 -8.13 -9.05 -17.28
CA GLN D 9 -8.00 -10.36 -17.91
C GLN D 9 -6.55 -10.68 -18.24
N GLN D 10 -5.82 -9.71 -18.77
CA GLN D 10 -4.38 -9.91 -18.99
C GLN D 10 -3.67 -10.16 -17.68
N ARG D 11 -3.93 -9.32 -16.67
CA ARG D 11 -3.39 -9.55 -15.34
C ARG D 11 -3.70 -10.96 -14.86
N LEU D 12 -4.95 -11.41 -15.06
CA LEU D 12 -5.34 -12.75 -14.63
C LEU D 12 -4.49 -13.82 -15.31
N ASN D 13 -4.22 -13.65 -16.61
CA ASN D 13 -3.39 -14.61 -17.32
C ASN D 13 -2.00 -14.69 -16.72
N ASN D 14 -1.38 -13.53 -16.46
CA ASN D 14 -0.06 -13.52 -15.82
C ASN D 14 -0.12 -14.19 -14.45
N TYR D 15 -1.18 -13.92 -13.70
CA TYR D 15 -1.36 -14.55 -12.38
C TYR D 15 -1.42 -16.07 -12.51
N ALA D 16 -2.07 -16.57 -13.56
CA ALA D 16 -2.15 -18.01 -13.76
C ALA D 16 -0.76 -18.61 -13.97
N ARG D 17 0.10 -17.92 -14.72
CA ARG D 17 1.46 -18.42 -14.93
C ARG D 17 2.25 -18.43 -13.63
N ALA D 18 2.21 -17.33 -12.89
CA ALA D 18 2.89 -17.29 -11.60
C ALA D 18 2.41 -18.41 -10.68
N LEU D 19 1.09 -18.63 -10.65
CA LEU D 19 0.54 -19.69 -9.80
C LEU D 19 1.05 -21.06 -10.25
N GLN D 20 1.19 -21.28 -11.56
CA GLN D 20 1.73 -22.54 -12.04
C GLN D 20 3.11 -22.80 -11.45
N GLN D 21 3.99 -21.81 -11.51
CA GLN D 21 5.31 -21.96 -10.91
C GLN D 21 5.20 -22.28 -9.42
N LEU D 22 4.33 -21.56 -8.71
CA LEU D 22 4.13 -21.82 -7.28
C LEU D 22 3.58 -23.23 -7.06
N SER D 23 2.67 -23.68 -7.93
CA SER D 23 2.12 -25.02 -7.79
C SER D 23 3.22 -26.07 -7.92
N LEU D 24 4.11 -25.92 -8.90
CA LEU D 24 5.21 -26.85 -9.05
C LEU D 24 6.02 -26.97 -7.76
N ALA D 25 6.30 -25.83 -7.12
CA ALA D 25 7.08 -25.86 -5.89
C ALA D 25 6.29 -26.50 -4.75
N VAL D 26 5.01 -26.17 -4.63
CA VAL D 26 4.20 -26.70 -3.53
C VAL D 26 4.03 -28.21 -3.69
N ASN D 27 3.80 -28.67 -4.91
CA ASN D 27 3.69 -30.11 -5.14
C ASN D 27 5.02 -30.81 -4.90
N LEU D 28 6.12 -30.16 -5.23
CA LEU D 28 7.44 -30.72 -4.94
C LEU D 28 7.62 -30.88 -3.42
N ALA D 29 7.28 -29.83 -2.67
CA ALA D 29 7.34 -29.91 -1.21
C ALA D 29 6.42 -30.98 -0.65
N GLN D 30 5.37 -31.34 -1.38
CA GLN D 30 4.47 -32.40 -0.92
C GLN D 30 5.10 -33.77 -1.06
N THR D 31 6.03 -33.94 -2.01
CA THR D 31 6.66 -35.23 -2.23
C THR D 31 7.92 -35.43 -1.39
N ARG D 32 8.56 -34.35 -0.94
CA ARG D 32 9.81 -34.47 -0.20
C ARG D 32 10.08 -33.15 0.50
N PRO D 33 10.91 -33.16 1.54
CA PRO D 33 11.32 -31.88 2.16
C PRO D 33 12.09 -31.02 1.18
N LEU D 34 12.14 -29.73 1.49
CA LEU D 34 12.85 -28.74 0.69
C LEU D 34 14.08 -28.24 1.43
N SER D 35 15.12 -27.92 0.66
CA SER D 35 16.31 -27.30 1.24
C SER D 35 16.02 -25.83 1.57
N ASP D 36 16.90 -25.23 2.37
CA ASP D 36 16.72 -23.84 2.75
C ASP D 36 16.65 -22.94 1.53
N LEU D 37 17.45 -23.25 0.50
CA LEU D 37 17.41 -22.47 -0.73
C LEU D 37 16.07 -22.64 -1.44
N GLU D 38 15.57 -23.87 -1.51
CA GLU D 38 14.27 -24.10 -2.14
C GLU D 38 13.14 -23.49 -1.33
N LYS D 39 13.30 -23.41 0.00
CA LYS D 39 12.30 -22.73 0.82
C LYS D 39 12.25 -21.24 0.50
N GLN D 40 13.41 -20.60 0.38
CA GLN D 40 13.43 -19.20 -0.02
C GLN D 40 12.84 -19.01 -1.40
N GLY D 41 13.11 -19.95 -2.31
CA GLY D 41 12.48 -19.89 -3.62
C GLY D 41 10.97 -20.03 -3.53
N LEU D 42 10.50 -20.85 -2.60
CA LEU D 42 9.06 -21.00 -2.41
C LEU D 42 8.44 -19.69 -1.92
N ILE D 43 9.12 -19.00 -1.00
CA ILE D 43 8.64 -17.70 -0.55
C ILE D 43 8.61 -16.72 -1.71
N GLN D 44 9.67 -16.70 -2.52
CA GLN D 44 9.71 -15.81 -3.68
C GLN D 44 8.55 -16.11 -4.62
N ALA D 45 8.22 -17.39 -4.81
CA ALA D 45 7.11 -17.75 -5.68
C ALA D 45 5.80 -17.25 -5.11
N PHE D 46 5.58 -17.40 -3.81
CA PHE D 46 4.38 -16.87 -3.19
C PHE D 46 4.32 -15.35 -3.30
N GLU D 47 5.46 -14.68 -3.29
CA GLU D 47 5.45 -13.22 -3.29
C GLU D 47 5.02 -12.66 -4.63
N PHE D 48 5.54 -13.20 -5.74
CA PHE D 48 5.12 -12.69 -7.04
C PHE D 48 3.76 -13.26 -7.46
N THR D 49 3.33 -14.37 -6.87
CA THR D 49 1.97 -14.84 -7.08
C THR D 49 0.96 -13.93 -6.38
N HIS D 50 1.24 -13.57 -5.13
CA HIS D 50 0.32 -12.72 -4.38
C HIS D 50 0.31 -11.30 -4.94
N GLU D 51 1.47 -10.79 -5.34
CA GLU D 51 1.53 -9.45 -5.94
C GLU D 51 0.60 -9.37 -7.14
N LEU D 52 0.65 -10.37 -8.01
CA LEU D 52 -0.27 -10.42 -9.15
C LEU D 52 -1.71 -10.64 -8.69
N ALA D 53 -1.90 -11.40 -7.61
CA ALA D 53 -3.25 -11.74 -7.17
C ALA D 53 -4.01 -10.49 -6.75
N TRP D 54 -3.40 -9.67 -5.90
CA TRP D 54 -4.11 -8.48 -5.41
C TRP D 54 -4.22 -7.39 -6.48
N ASN D 55 -3.31 -7.40 -7.47
CA ASN D 55 -3.47 -6.49 -8.60
C ASN D 55 -4.62 -6.94 -9.50
N VAL D 56 -4.90 -8.24 -9.56
CA VAL D 56 -6.09 -8.70 -10.28
C VAL D 56 -7.35 -8.20 -9.59
N MET D 57 -7.38 -8.23 -8.25
CA MET D 57 -8.51 -7.68 -7.52
C MET D 57 -8.70 -6.21 -7.85
N LYS D 58 -7.63 -5.42 -7.76
CA LYS D 58 -7.73 -3.99 -8.03
C LYS D 58 -8.23 -3.74 -9.45
N ASP D 59 -7.57 -4.35 -10.44
CA ASP D 59 -7.97 -4.15 -11.84
C ASP D 59 -9.44 -4.50 -12.06
N TYR D 60 -9.89 -5.60 -11.45
CA TYR D 60 -11.28 -6.03 -11.67
C TYR D 60 -12.26 -5.04 -11.05
N PHE D 61 -11.95 -4.52 -9.86
CA PHE D 61 -12.87 -3.60 -9.21
C PHE D 61 -12.85 -2.23 -9.88
N PHE D 62 -11.72 -1.85 -10.49
CA PHE D 62 -11.74 -0.67 -11.35
C PHE D 62 -12.63 -0.90 -12.55
N PHE D 63 -12.54 -2.08 -13.18
CA PHE D 63 -13.46 -2.45 -14.24
C PHE D 63 -14.91 -2.34 -13.77
N GLN D 64 -15.18 -2.72 -12.53
CA GLN D 64 -16.52 -2.62 -11.97
C GLN D 64 -16.92 -1.18 -11.68
N GLY D 65 -15.99 -0.24 -11.71
CA GLY D 65 -16.27 1.15 -11.42
C GLY D 65 -15.79 1.64 -10.08
N ASN D 66 -15.02 0.83 -9.34
CA ASN D 66 -14.52 1.19 -8.02
C ASN D 66 -13.05 1.57 -8.17
N SER D 67 -12.77 2.88 -8.16
CA SER D 67 -11.43 3.41 -8.26
C SER D 67 -10.89 3.91 -6.93
N ALA D 68 -11.50 3.49 -5.82
CA ALA D 68 -11.04 3.89 -4.50
C ALA D 68 -9.97 2.96 -3.93
N ILE D 69 -9.84 1.75 -4.48
CA ILE D 69 -8.83 0.81 -3.99
C ILE D 69 -7.45 1.35 -4.33
N THR D 70 -6.57 1.41 -3.32
CA THR D 70 -5.20 1.85 -3.51
C THR D 70 -4.21 0.70 -3.43
N GLY D 71 -4.21 -0.05 -2.34
CA GLY D 71 -3.21 -1.08 -2.12
C GLY D 71 -3.77 -2.46 -1.90
N SER D 72 -2.90 -3.40 -1.54
CA SER D 72 -3.32 -4.79 -1.37
C SER D 72 -4.32 -4.92 -0.23
N ARG D 73 -4.25 -4.03 0.77
CA ARG D 73 -5.22 -4.07 1.87
C ARG D 73 -6.63 -3.76 1.38
N ASP D 74 -6.80 -2.59 0.76
CA ASP D 74 -8.12 -2.24 0.23
C ASP D 74 -8.62 -3.30 -0.75
N ALA D 75 -7.73 -3.84 -1.58
CA ALA D 75 -8.13 -4.81 -2.60
C ALA D 75 -8.60 -6.11 -1.96
N THR D 76 -7.90 -6.60 -0.94
CA THR D 76 -8.33 -7.82 -0.26
C THR D 76 -9.65 -7.61 0.46
N ARG D 77 -9.81 -6.47 1.14
CA ARG D 77 -11.04 -6.20 1.87
C ARG D 77 -12.24 -6.17 0.92
N GLU D 78 -12.10 -5.46 -0.20
CA GLU D 78 -13.18 -5.39 -1.17
C GLU D 78 -13.46 -6.76 -1.80
N SER D 79 -12.43 -7.57 -2.00
CA SER D 79 -12.64 -8.90 -2.57
C SER D 79 -13.46 -9.77 -1.64
N PHE D 80 -13.14 -9.74 -0.34
CA PHE D 80 -13.92 -10.51 0.63
C PHE D 80 -15.34 -9.96 0.74
N ASN D 81 -15.50 -8.65 0.69
CA ASN D 81 -16.83 -8.05 0.84
C ASN D 81 -17.73 -8.40 -0.33
N LYS D 82 -17.20 -8.40 -1.54
CA LYS D 82 -17.98 -8.64 -2.75
C LYS D 82 -17.94 -10.09 -3.22
N GLY D 83 -17.30 -10.98 -2.47
CA GLY D 83 -17.41 -12.41 -2.71
C GLY D 83 -16.37 -13.00 -3.63
N LEU D 84 -15.31 -12.27 -3.96
CA LEU D 84 -14.27 -12.85 -4.82
C LEU D 84 -13.42 -13.86 -4.06
N ILE D 85 -13.33 -13.72 -2.73
CA ILE D 85 -12.60 -14.64 -1.89
C ILE D 85 -13.45 -14.95 -0.66
N LYS D 86 -13.13 -16.06 0.00
CA LYS D 86 -13.85 -16.52 1.18
C LYS D 86 -13.05 -16.41 2.47
N GLU D 87 -11.76 -16.78 2.44
CA GLU D 87 -10.93 -16.74 3.64
C GLU D 87 -10.24 -15.38 3.74
N GLY D 88 -11.04 -14.39 4.14
CA GLY D 88 -10.50 -13.03 4.26
C GLY D 88 -9.28 -12.97 5.15
N GLU D 89 -9.34 -13.64 6.30
CA GLU D 89 -8.22 -13.60 7.24
C GLU D 89 -6.96 -14.21 6.63
N ILE D 90 -7.11 -15.30 5.87
CA ILE D 90 -5.95 -15.93 5.26
C ILE D 90 -5.27 -14.97 4.30
N TRP D 91 -6.04 -14.22 3.51
CA TRP D 91 -5.46 -13.26 2.60
C TRP D 91 -4.83 -12.08 3.33
N MET D 92 -5.42 -11.67 4.46
CA MET D 92 -4.78 -10.63 5.27
C MET D 92 -3.45 -11.13 5.83
N GLU D 93 -3.38 -12.42 6.20
CA GLU D 93 -2.13 -12.99 6.65
C GLU D 93 -1.10 -13.01 5.53
N MET D 94 -1.55 -13.27 4.30
CA MET D 94 -0.65 -13.18 3.15
C MET D 94 0.05 -11.83 3.12
N ILE D 95 -0.71 -10.75 3.34
CA ILE D 95 -0.14 -9.41 3.20
C ILE D 95 1.00 -9.20 4.18
N LYS D 96 0.83 -9.63 5.43
CA LYS D 96 1.87 -9.45 6.42
C LYS D 96 3.00 -10.47 6.28
N SER D 97 2.87 -11.45 5.39
CA SER D 97 3.95 -12.37 5.08
C SER D 97 4.83 -11.88 3.94
N ARG D 98 4.45 -10.80 3.27
CA ARG D 98 5.23 -10.25 2.17
C ARG D 98 6.40 -9.43 2.68
N ASN D 99 7.34 -9.15 1.78
CA ASN D 99 8.43 -8.19 2.03
C ASN D 99 9.20 -8.52 3.30
N GLN D 100 9.33 -9.80 3.64
CA GLN D 100 10.18 -10.17 4.76
C GLN D 100 11.65 -9.98 4.45
N THR D 101 12.00 -9.76 3.18
CA THR D 101 13.37 -9.36 2.85
C THR D 101 13.73 -8.04 3.51
N SER D 102 12.76 -7.14 3.66
CA SER D 102 12.99 -5.81 4.20
C SER D 102 12.81 -5.73 5.71
N HIS D 103 12.39 -6.82 6.35
CA HIS D 103 12.11 -6.84 7.78
C HIS D 103 13.07 -7.81 8.46
N THR D 104 14.36 -7.49 8.43
CA THR D 104 15.39 -8.30 9.09
C THR D 104 15.28 -9.73 8.56
N TYR D 105 15.67 -10.70 9.37
CA TYR D 105 15.56 -12.11 9.00
C TYR D 105 15.31 -12.94 10.24
N ASN D 106 14.47 -13.96 10.11
CA ASN D 106 14.11 -14.84 11.22
C ASN D 106 13.83 -16.22 10.65
N GLN D 107 14.65 -17.20 11.04
CA GLN D 107 14.53 -18.54 10.46
C GLN D 107 13.20 -19.18 10.84
N SER D 108 12.85 -19.14 12.12
CA SER D 108 11.58 -19.73 12.54
C SER D 108 10.41 -19.11 11.77
N VAL D 109 10.39 -17.79 11.67
CA VAL D 109 9.34 -17.13 10.90
C VAL D 109 9.36 -17.60 9.45
N ALA D 110 10.57 -17.67 8.86
CA ALA D 110 10.70 -18.15 7.49
C ALA D 110 10.05 -19.51 7.31
N ASP D 111 10.26 -20.42 8.27
CA ASP D 111 9.70 -21.76 8.16
C ASP D 111 8.18 -21.73 8.28
N GLU D 112 7.65 -20.86 9.15
CA GLU D 112 6.21 -20.81 9.35
C GLU D 112 5.49 -20.25 8.11
N ILE D 113 6.12 -19.31 7.40
CA ILE D 113 5.49 -18.81 6.17
C ILE D 113 5.46 -19.92 5.13
N VAL D 114 6.54 -20.70 5.04
CA VAL D 114 6.57 -21.82 4.10
C VAL D 114 5.44 -22.80 4.42
N LYS D 115 5.24 -23.10 5.70
CA LYS D 115 4.14 -23.99 6.08
C LYS D 115 2.80 -23.39 5.71
N ASN D 116 2.62 -22.09 5.93
CA ASN D 116 1.36 -21.44 5.58
C ASN D 116 1.16 -21.41 4.07
N ILE D 117 2.24 -21.25 3.30
CA ILE D 117 2.13 -21.24 1.85
C ILE D 117 1.66 -22.59 1.35
N ILE D 118 2.19 -23.66 1.93
CA ILE D 118 1.90 -25.01 1.46
C ILE D 118 0.50 -25.46 1.88
N ASN D 119 0.07 -25.05 3.07
CA ASN D 119 -1.14 -25.60 3.67
C ASN D 119 -2.38 -24.73 3.49
N PHE D 120 -2.23 -23.46 3.13
CA PHE D 120 -3.38 -22.58 3.04
C PHE D 120 -3.33 -21.67 1.81
N TYR D 121 -2.22 -20.97 1.62
CA TYR D 121 -2.17 -19.94 0.59
C TYR D 121 -2.41 -20.52 -0.80
N HIS D 122 -1.71 -21.61 -1.13
CA HIS D 122 -1.84 -22.19 -2.47
C HIS D 122 -3.31 -22.48 -2.79
N THR D 123 -4.03 -23.09 -1.85
CA THR D 123 -5.43 -23.40 -2.08
C THR D 123 -6.26 -22.14 -2.31
N SER D 124 -5.99 -21.09 -1.53
CA SER D 124 -6.71 -19.84 -1.73
C SER D 124 -6.41 -19.24 -3.10
N PHE D 125 -5.15 -19.34 -3.55
CA PHE D 125 -4.78 -18.83 -4.87
C PHE D 125 -5.56 -19.56 -5.96
N GLN D 126 -5.61 -20.89 -5.89
CA GLN D 126 -6.28 -21.65 -6.93
C GLN D 126 -7.77 -21.36 -6.97
N ALA D 127 -8.40 -21.27 -5.79
CA ALA D 127 -9.82 -20.92 -5.75
C ALA D 127 -10.06 -19.54 -6.35
N PHE D 128 -9.19 -18.57 -6.03
CA PHE D 128 -9.32 -17.23 -6.59
C PHE D 128 -9.16 -17.25 -8.10
N LEU D 129 -8.25 -18.08 -8.60
CA LEU D 129 -8.08 -18.20 -10.05
C LEU D 129 -9.32 -18.81 -10.70
N GLU D 130 -9.89 -19.86 -10.08
CA GLU D 130 -11.08 -20.48 -10.63
C GLU D 130 -12.25 -19.50 -10.66
N LYS D 131 -12.38 -18.67 -9.63
CA LYS D 131 -13.47 -17.71 -9.59
C LYS D 131 -13.31 -16.63 -10.67
N MET D 132 -12.11 -16.07 -10.78
CA MET D 132 -11.90 -15.00 -11.74
C MET D 132 -12.03 -15.50 -13.18
N GLN D 133 -11.50 -16.68 -13.46
CA GLN D 133 -11.64 -17.25 -14.81
C GLN D 133 -13.10 -17.48 -15.15
N GLY D 134 -13.90 -17.89 -14.16
CA GLY D 134 -15.33 -18.07 -14.41
C GLY D 134 -16.04 -16.78 -14.75
N LEU D 135 -15.59 -15.66 -14.18
CA LEU D 135 -16.18 -14.36 -14.46
C LEU D 135 -15.77 -13.80 -15.81
N LYS D 136 -14.81 -14.44 -16.48
CA LYS D 136 -14.39 -13.99 -17.81
C LYS D 136 -15.31 -14.57 -18.88
N GLU D 137 -15.69 -13.72 -19.84
CA GLU D 137 -16.66 -14.11 -20.85
C GLU D 137 -16.15 -14.08 -22.28
N HIS D 138 -15.06 -13.36 -22.56
CA HIS D 138 -14.55 -13.28 -23.92
C HIS D 138 -13.05 -12.97 -23.89
N GLU D 139 -12.43 -13.09 -25.06
CA GLU D 139 -10.98 -12.96 -25.22
C GLU D 139 -10.25 -14.12 -24.54
N VAL E 6 27.25 1.02 17.95
CA VAL E 6 26.75 1.89 16.88
C VAL E 6 25.79 1.11 16.00
N ARG E 7 24.82 1.80 15.41
CA ARG E 7 23.78 1.13 14.64
C ARG E 7 24.35 0.50 13.38
N TRP E 8 25.22 1.22 12.66
CA TRP E 8 25.72 0.70 11.40
C TRP E 8 26.58 -0.54 11.60
N GLN E 9 27.19 -0.70 12.78
CA GLN E 9 27.99 -1.89 13.03
C GLN E 9 27.12 -3.13 13.27
N GLN E 10 26.03 -2.98 14.02
CA GLN E 10 25.08 -4.08 14.15
C GLN E 10 24.47 -4.43 12.80
N ARG E 11 24.11 -3.41 12.02
CA ARG E 11 23.61 -3.66 10.68
C ARG E 11 24.66 -4.38 9.83
N LEU E 12 25.94 -4.04 10.02
CA LEU E 12 27.00 -4.70 9.27
C LEU E 12 27.15 -6.16 9.67
N ASN E 13 26.95 -6.47 10.95
CA ASN E 13 26.97 -7.87 11.38
C ASN E 13 25.84 -8.66 10.71
N ASN E 14 24.64 -8.09 10.73
CA ASN E 14 23.52 -8.77 10.06
C ASN E 14 23.79 -8.90 8.56
N TYR E 15 24.40 -7.88 7.95
CA TYR E 15 24.73 -7.93 6.54
C TYR E 15 25.77 -9.00 6.25
N ALA E 16 26.72 -9.20 7.17
CA ALA E 16 27.70 -10.26 7.01
C ALA E 16 27.04 -11.62 7.05
N ARG E 17 26.08 -11.81 7.96
CA ARG E 17 25.33 -13.08 7.98
C ARG E 17 24.61 -13.30 6.65
N ALA E 18 23.87 -12.29 6.18
CA ALA E 18 23.14 -12.43 4.92
C ALA E 18 24.08 -12.70 3.76
N LEU E 19 25.22 -12.01 3.71
CA LEU E 19 26.18 -12.21 2.64
C LEU E 19 26.81 -13.59 2.71
N GLN E 20 26.99 -14.14 3.91
CA GLN E 20 27.48 -15.51 4.02
C GLN E 20 26.48 -16.50 3.44
N GLN E 21 25.20 -16.30 3.72
CA GLN E 21 24.18 -17.16 3.10
C GLN E 21 24.22 -17.01 1.58
N LEU E 22 24.32 -15.78 1.10
CA LEU E 22 24.41 -15.55 -0.35
C LEU E 22 25.64 -16.24 -0.93
N SER E 23 26.76 -16.22 -0.20
CA SER E 23 27.98 -16.87 -0.68
C SER E 23 27.79 -18.38 -0.79
N LEU E 24 27.10 -18.97 0.20
CA LEU E 24 26.74 -20.38 0.09
C LEU E 24 25.96 -20.64 -1.20
N ALA E 25 24.92 -19.85 -1.44
CA ALA E 25 24.10 -20.05 -2.63
C ALA E 25 24.93 -19.90 -3.90
N VAL E 26 25.82 -18.92 -3.93
CA VAL E 26 26.62 -18.67 -5.13
C VAL E 26 27.58 -19.84 -5.38
N ASN E 27 28.32 -20.25 -4.34
CA ASN E 27 29.23 -21.37 -4.49
C ASN E 27 28.49 -22.62 -4.96
N LEU E 28 27.25 -22.82 -4.50
CA LEU E 28 26.45 -23.91 -5.06
C LEU E 28 26.22 -23.69 -6.55
N ALA E 29 25.80 -22.48 -6.94
CA ALA E 29 25.56 -22.20 -8.34
C ALA E 29 26.80 -22.45 -9.19
N GLN E 30 28.00 -22.22 -8.64
CA GLN E 30 29.23 -22.43 -9.38
C GLN E 30 29.68 -23.90 -9.38
N THR E 31 29.09 -24.73 -8.52
CA THR E 31 29.41 -26.15 -8.49
C THR E 31 28.55 -26.96 -9.45
N ARG E 32 27.31 -26.56 -9.66
CA ARG E 32 26.39 -27.27 -10.54
C ARG E 32 25.28 -26.32 -10.94
N PRO E 33 24.51 -26.67 -11.97
CA PRO E 33 23.38 -25.79 -12.35
C PRO E 33 22.29 -25.83 -11.30
N LEU E 34 21.51 -24.75 -11.26
CA LEU E 34 20.41 -24.61 -10.32
C LEU E 34 19.08 -24.91 -10.99
N SER E 35 18.16 -25.48 -10.23
CA SER E 35 16.78 -25.56 -10.66
C SER E 35 16.15 -24.16 -10.62
N ASP E 36 14.94 -24.04 -11.18
CA ASP E 36 14.25 -22.76 -11.17
C ASP E 36 13.97 -22.31 -9.73
N LEU E 37 13.50 -23.22 -8.88
CA LEU E 37 13.24 -22.88 -7.49
C LEU E 37 14.50 -22.41 -6.79
N GLU E 38 15.63 -23.08 -7.05
CA GLU E 38 16.89 -22.65 -6.47
C GLU E 38 17.29 -21.26 -6.97
N LYS E 39 16.97 -20.93 -8.22
CA LYS E 39 17.23 -19.60 -8.73
C LYS E 39 16.38 -18.55 -8.01
N GLN E 40 15.10 -18.85 -7.77
CA GLN E 40 14.27 -17.96 -6.98
C GLN E 40 14.85 -17.75 -5.59
N GLY E 41 15.36 -18.82 -4.98
CA GLY E 41 15.97 -18.69 -3.67
C GLY E 41 17.23 -17.85 -3.70
N LEU E 42 18.04 -17.99 -4.75
CA LEU E 42 19.23 -17.17 -4.89
C LEU E 42 18.85 -15.69 -5.03
N ILE E 43 17.80 -15.40 -5.80
CA ILE E 43 17.32 -14.02 -5.91
C ILE E 43 16.90 -13.51 -4.54
N GLN E 44 16.18 -14.32 -3.77
CA GLN E 44 15.75 -13.90 -2.44
C GLN E 44 16.95 -13.60 -1.54
N ALA E 45 17.97 -14.47 -1.56
CA ALA E 45 19.16 -14.22 -0.75
C ALA E 45 19.84 -12.93 -1.17
N PHE E 46 19.93 -12.68 -2.48
CA PHE E 46 20.51 -11.43 -2.96
C PHE E 46 19.71 -10.24 -2.45
N GLU E 47 18.38 -10.36 -2.43
CA GLU E 47 17.55 -9.23 -1.96
C GLU E 47 17.80 -8.95 -0.48
N PHE E 48 17.81 -10.00 0.34
CA PHE E 48 18.21 -9.84 1.74
C PHE E 48 19.53 -9.08 1.84
N THR E 49 20.54 -9.56 1.11
CA THR E 49 21.89 -9.00 1.25
C THR E 49 21.92 -7.54 0.82
N HIS E 50 21.26 -7.21 -0.29
CA HIS E 50 21.31 -5.83 -0.78
C HIS E 50 20.53 -4.89 0.14
N GLU E 51 19.37 -5.32 0.62
CA GLU E 51 18.64 -4.52 1.59
C GLU E 51 19.53 -4.20 2.78
N LEU E 52 20.16 -5.23 3.36
CA LEU E 52 21.01 -5.00 4.53
C LEU E 52 22.20 -4.11 4.17
N ALA E 53 22.74 -4.24 2.97
CA ALA E 53 23.91 -3.45 2.58
C ALA E 53 23.56 -1.97 2.49
N TRP E 54 22.48 -1.64 1.79
CA TRP E 54 22.15 -0.22 1.64
C TRP E 54 21.65 0.36 2.95
N ASN E 55 21.08 -0.47 3.84
CA ASN E 55 20.75 0.04 5.16
C ASN E 55 22.01 0.26 6.00
N VAL E 56 23.04 -0.57 5.84
CA VAL E 56 24.32 -0.30 6.49
C VAL E 56 24.87 1.04 6.02
N MET E 57 24.82 1.28 4.71
CA MET E 57 25.29 2.56 4.17
C MET E 57 24.50 3.72 4.77
N LYS E 58 23.17 3.60 4.81
CA LYS E 58 22.33 4.65 5.37
C LYS E 58 22.69 4.92 6.82
N ASP E 59 22.84 3.88 7.63
CA ASP E 59 23.18 4.06 9.04
C ASP E 59 24.54 4.72 9.19
N TYR E 60 25.52 4.27 8.42
CA TYR E 60 26.86 4.85 8.52
C TYR E 60 26.84 6.33 8.19
N PHE E 61 26.09 6.72 7.15
CA PHE E 61 26.03 8.13 6.80
C PHE E 61 25.24 8.93 7.83
N PHE E 62 24.23 8.31 8.45
CA PHE E 62 23.53 8.97 9.54
C PHE E 62 24.45 9.23 10.72
N PHE E 63 25.42 8.34 10.94
CA PHE E 63 26.43 8.58 11.97
C PHE E 63 27.31 9.78 11.61
N GLN E 64 27.45 10.07 10.32
CA GLN E 64 28.26 11.19 9.86
C GLN E 64 27.47 12.49 9.80
N GLY E 65 26.23 12.51 10.30
CA GLY E 65 25.43 13.70 10.28
C GLY E 65 24.70 13.94 8.98
N ASN E 66 24.33 12.88 8.28
CA ASN E 66 23.62 12.96 7.01
C ASN E 66 22.27 12.27 7.16
N SER E 67 21.19 13.05 7.01
CA SER E 67 19.84 12.54 7.14
C SER E 67 19.07 12.55 5.83
N ALA E 68 19.75 12.85 4.72
CA ALA E 68 19.10 12.99 3.42
C ALA E 68 19.10 11.69 2.61
N ILE E 69 19.28 10.54 3.25
CA ILE E 69 19.24 9.25 2.57
C ILE E 69 17.81 8.72 2.67
N THR E 70 17.11 8.69 1.54
CA THR E 70 15.72 8.29 1.51
C THR E 70 15.49 6.89 0.97
N GLY E 71 16.53 6.22 0.47
CA GLY E 71 16.35 4.90 -0.08
C GLY E 71 17.66 4.35 -0.60
N SER E 72 17.55 3.21 -1.30
CA SER E 72 18.74 2.53 -1.78
C SER E 72 19.50 3.37 -2.79
N ARG E 73 18.78 4.16 -3.60
CA ARG E 73 19.47 4.93 -4.64
C ARG E 73 20.32 6.04 -4.03
N ASP E 74 19.73 6.84 -3.14
CA ASP E 74 20.50 7.88 -2.46
C ASP E 74 21.67 7.28 -1.71
N ALA E 75 21.44 6.17 -1.02
CA ALA E 75 22.50 5.53 -0.25
C ALA E 75 23.64 5.09 -1.16
N THR E 76 23.31 4.48 -2.31
CA THR E 76 24.35 4.03 -3.22
C THR E 76 25.12 5.21 -3.81
N ARG E 77 24.41 6.27 -4.21
CA ARG E 77 25.08 7.43 -4.76
C ARG E 77 26.03 8.05 -3.74
N GLU E 78 25.60 8.16 -2.49
CA GLU E 78 26.47 8.72 -1.46
C GLU E 78 27.63 7.78 -1.14
N SER E 79 27.42 6.46 -1.20
CA SER E 79 28.51 5.53 -0.97
C SER E 79 29.56 5.64 -2.08
N PHE E 80 29.11 5.89 -3.31
CA PHE E 80 30.07 6.08 -4.40
C PHE E 80 30.82 7.40 -4.22
N ASN E 81 30.09 8.48 -3.91
CA ASN E 81 30.74 9.77 -3.75
C ASN E 81 31.71 9.78 -2.58
N LYS E 82 31.45 8.97 -1.55
CA LYS E 82 32.27 8.92 -0.36
C LYS E 82 33.32 7.81 -0.38
N GLY E 83 33.36 7.01 -1.44
CA GLY E 83 34.37 5.98 -1.60
C GLY E 83 34.05 4.65 -0.97
N LEU E 84 32.86 4.49 -0.38
CA LEU E 84 32.50 3.20 0.22
C LEU E 84 32.40 2.11 -0.84
N ILE E 85 31.89 2.45 -2.02
CA ILE E 85 31.88 1.55 -3.17
C ILE E 85 32.58 2.24 -4.33
N LYS E 86 33.22 1.43 -5.18
CA LYS E 86 34.01 1.96 -6.28
C LYS E 86 33.39 1.73 -7.65
N GLU E 87 32.32 0.93 -7.75
CA GLU E 87 31.65 0.67 -9.03
C GLU E 87 30.14 0.88 -8.83
N GLY E 88 29.72 2.15 -8.81
CA GLY E 88 28.32 2.46 -8.60
C GLY E 88 27.40 1.92 -9.67
N GLU E 89 27.94 1.59 -10.85
CA GLU E 89 27.10 1.08 -11.92
C GLU E 89 26.50 -0.27 -11.55
N ILE E 90 27.31 -1.15 -10.94
CA ILE E 90 26.82 -2.47 -10.55
C ILE E 90 25.77 -2.34 -9.45
N TRP E 91 25.89 -1.35 -8.57
CA TRP E 91 24.87 -1.17 -7.53
C TRP E 91 23.59 -0.56 -8.08
N MET E 92 23.70 0.32 -9.09
CA MET E 92 22.49 0.76 -9.79
C MET E 92 21.81 -0.43 -10.46
N GLU E 93 22.60 -1.32 -11.06
CA GLU E 93 22.03 -2.54 -11.62
C GLU E 93 21.37 -3.39 -10.54
N MET E 94 21.96 -3.42 -9.33
CA MET E 94 21.34 -4.10 -8.21
C MET E 94 19.96 -3.52 -7.94
N ILE E 95 19.84 -2.19 -7.96
CA ILE E 95 18.53 -1.56 -7.74
C ILE E 95 17.55 -1.99 -8.83
N LYS E 96 18.02 -2.04 -10.08
CA LYS E 96 17.18 -2.50 -11.17
C LYS E 96 16.68 -3.92 -10.91
N SER E 97 17.59 -4.80 -10.49
CA SER E 97 17.22 -6.19 -10.21
C SER E 97 16.21 -6.27 -9.08
N ARG E 98 16.41 -5.47 -8.03
CA ARG E 98 15.44 -5.41 -6.94
C ARG E 98 14.07 -5.03 -7.47
N ASN E 99 14.01 -3.99 -8.32
CA ASN E 99 12.73 -3.53 -8.83
C ASN E 99 12.11 -4.51 -9.82
N GLN E 100 12.89 -5.45 -10.34
CA GLN E 100 12.35 -6.50 -11.20
C GLN E 100 11.83 -7.71 -10.41
N THR E 101 11.78 -7.63 -9.08
CA THR E 101 11.53 -8.83 -8.28
C THR E 101 10.17 -9.46 -8.59
N SER E 102 9.15 -8.63 -8.86
CA SER E 102 7.80 -9.15 -9.06
C SER E 102 7.64 -9.91 -10.36
N HIS E 103 8.60 -9.82 -11.29
CA HIS E 103 8.48 -10.46 -12.60
C HIS E 103 9.40 -11.66 -12.75
N THR E 104 9.93 -12.20 -11.65
CA THR E 104 10.84 -13.33 -11.76
C THR E 104 10.12 -14.63 -12.11
N TYR E 105 8.79 -14.63 -12.23
CA TYR E 105 8.11 -15.81 -12.76
C TYR E 105 8.38 -15.94 -14.25
N ASN E 106 8.68 -14.83 -14.93
CA ASN E 106 9.28 -14.88 -16.25
C ASN E 106 10.74 -15.30 -16.10
N GLN E 107 11.08 -16.49 -16.60
CA GLN E 107 12.37 -17.07 -16.27
C GLN E 107 13.53 -16.36 -16.95
N SER E 108 13.27 -15.57 -18.00
CA SER E 108 14.35 -14.76 -18.57
C SER E 108 14.78 -13.67 -17.60
N VAL E 109 13.81 -13.05 -16.92
CA VAL E 109 14.15 -12.06 -15.90
C VAL E 109 14.92 -12.70 -14.77
N ALA E 110 14.44 -13.85 -14.29
CA ALA E 110 15.15 -14.55 -13.22
C ALA E 110 16.56 -14.92 -13.64
N ASP E 111 16.72 -15.42 -14.87
CA ASP E 111 18.04 -15.80 -15.34
C ASP E 111 18.98 -14.60 -15.41
N GLU E 112 18.49 -13.46 -15.91
CA GLU E 112 19.31 -12.26 -15.92
C GLU E 112 19.72 -11.86 -14.51
N ILE E 113 18.80 -11.96 -13.55
CA ILE E 113 19.10 -11.53 -12.19
C ILE E 113 20.14 -12.46 -11.56
N VAL E 114 19.99 -13.77 -11.75
CA VAL E 114 20.98 -14.68 -11.17
C VAL E 114 22.33 -14.52 -11.87
N LYS E 115 22.32 -14.25 -13.18
CA LYS E 115 23.58 -14.00 -13.87
C LYS E 115 24.29 -12.81 -13.26
N ASN E 116 23.57 -11.71 -13.04
CA ASN E 116 24.17 -10.54 -12.43
C ASN E 116 24.65 -10.84 -11.01
N ILE E 117 23.86 -11.62 -10.25
CA ILE E 117 24.23 -11.95 -8.89
C ILE E 117 25.56 -12.70 -8.87
N ILE E 118 25.68 -13.72 -9.71
CA ILE E 118 26.87 -14.58 -9.70
C ILE E 118 28.09 -13.83 -10.23
N ASN E 119 27.92 -13.14 -11.37
CA ASN E 119 29.08 -12.58 -12.06
C ASN E 119 29.53 -11.24 -11.48
N PHE E 120 28.68 -10.52 -10.75
CA PHE E 120 29.01 -9.16 -10.36
C PHE E 120 28.67 -8.86 -8.90
N TYR E 121 27.42 -9.08 -8.50
CA TYR E 121 26.95 -8.55 -7.23
C TYR E 121 27.70 -9.16 -6.04
N HIS E 122 27.94 -10.47 -6.06
CA HIS E 122 28.56 -11.13 -4.91
C HIS E 122 29.92 -10.51 -4.60
N THR E 123 30.74 -10.28 -5.62
CA THR E 123 32.06 -9.70 -5.40
C THR E 123 31.95 -8.29 -4.82
N SER E 124 31.01 -7.50 -5.33
CA SER E 124 30.82 -6.15 -4.80
C SER E 124 30.38 -6.20 -3.34
N PHE E 125 29.51 -7.15 -3.00
CA PHE E 125 29.10 -7.30 -1.61
C PHE E 125 30.29 -7.65 -0.72
N GLN E 126 31.16 -8.54 -1.19
CA GLN E 126 32.32 -8.91 -0.38
C GLN E 126 33.24 -7.71 -0.20
N ALA E 127 33.48 -6.95 -1.27
CA ALA E 127 34.33 -5.76 -1.17
C ALA E 127 33.72 -4.74 -0.22
N PHE E 128 32.40 -4.57 -0.27
CA PHE E 128 31.74 -3.63 0.63
C PHE E 128 31.86 -4.07 2.07
N LEU E 129 31.69 -5.38 2.33
CA LEU E 129 31.88 -5.90 3.68
C LEU E 129 33.29 -5.60 4.17
N GLU E 130 34.30 -5.85 3.33
CA GLU E 130 35.68 -5.57 3.73
C GLU E 130 35.86 -4.09 4.04
N LYS E 131 35.35 -3.22 3.16
CA LYS E 131 35.48 -1.78 3.38
C LYS E 131 34.87 -1.38 4.71
N MET E 132 33.63 -1.79 4.96
CA MET E 132 32.95 -1.37 6.19
C MET E 132 33.60 -1.98 7.43
N GLN E 133 34.17 -3.19 7.31
CA GLN E 133 34.92 -3.76 8.42
C GLN E 133 36.21 -2.98 8.66
N GLY E 134 36.73 -2.32 7.63
CA GLY E 134 37.92 -1.52 7.74
C GLY E 134 37.68 -0.07 8.17
N LEU E 135 36.49 0.25 8.67
CA LEU E 135 36.18 1.61 9.11
C LEU E 135 35.83 1.66 10.59
#